data_5UBJ
#
_entry.id   5UBJ
#
_cell.length_a   42.562
_cell.length_b   57.529
_cell.length_c   49.371
_cell.angle_alpha   90.000
_cell.angle_beta   104.980
_cell.angle_gamma   90.000
#
_symmetry.space_group_name_H-M   'P 1 21 1'
#
loop_
_entity.id
_entity.type
_entity.pdbx_description
1 polymer 'Alpha-L-arabinofuranosidase axhA-2'
2 non-polymer 'CALCIUM ION'
3 water water
#
_entity_poly.entity_id   1
_entity_poly.type   'polypeptide(L)'
_entity_poly.pdbx_seq_one_letter_code
;GSHMRNLSTWPTFAALLWSAPRVLAQCGLPSTYSWTSTGPLAEPKDGWASLKDFTAVPYNGQYLVYATYHDTGTSWGSMN
FGLFSNWSDMATASQNAMTQSTVAPTLFYFEPKDVWILAYQWGPTAFSYLTSSDPTDANGWSSPQPLFSGSISDSDTGVI
DQTVIGDSTTMYLFFAGDNGRIYRASMPIDQFPGDFGTESEIILSDERNNLFEAVQVYTVSGQSKDTYLMIVEAIGAQGR
YFRSFTADSLGGSWTPQAATESAPFAGKANSGATWTDDISHGDLVRSTPDQTMSIDPCNLQLLYQGRDPSLNPGYDLLPY
RPGLLTLK
;
_entity_poly.pdbx_strand_id   A
#
# COMPACT_ATOMS: atom_id res chain seq x y z
N GLN A 26 -0.72 -16.37 20.00
CA GLN A 26 0.14 -15.63 19.08
C GLN A 26 0.51 -16.51 17.87
N CYS A 27 0.72 -15.89 16.72
CA CYS A 27 0.98 -16.64 15.50
C CYS A 27 2.22 -16.07 14.85
N GLY A 28 2.81 -16.85 13.95
CA GLY A 28 3.94 -16.36 13.18
C GLY A 28 3.65 -16.27 11.70
N LEU A 29 4.44 -15.47 10.97
CA LEU A 29 4.28 -15.49 9.51
C LEU A 29 4.96 -16.73 8.95
N PRO A 30 4.30 -17.42 8.02
CA PRO A 30 4.92 -18.57 7.37
C PRO A 30 5.90 -18.10 6.32
N SER A 31 6.83 -18.98 5.96
CA SER A 31 7.80 -18.64 4.91
C SER A 31 7.25 -18.83 3.52
N THR A 32 6.18 -19.62 3.37
CA THR A 32 5.37 -19.64 2.16
C THR A 32 3.92 -19.40 2.56
N TYR A 33 3.13 -18.94 1.60
CA TYR A 33 1.78 -18.48 1.88
C TYR A 33 0.76 -19.21 1.00
N SER A 34 -0.47 -19.27 1.49
CA SER A 34 -1.54 -19.86 0.69
C SER A 34 -2.85 -19.25 1.17
N TRP A 35 -3.68 -18.81 0.23
CA TRP A 35 -4.84 -17.99 0.55
C TRP A 35 -6.10 -18.54 -0.07
N THR A 36 -7.24 -18.01 0.37
CA THR A 36 -8.48 -18.05 -0.39
C THR A 36 -8.91 -16.61 -0.66
N SER A 37 -9.77 -16.43 -1.65
CA SER A 37 -10.07 -15.08 -2.11
C SER A 37 -11.56 -14.85 -2.19
N THR A 38 -11.96 -13.60 -1.98
CA THR A 38 -13.28 -13.18 -2.38
C THR A 38 -13.31 -12.99 -3.89
N GLY A 39 -14.51 -12.75 -4.42
CA GLY A 39 -14.64 -12.18 -5.74
C GLY A 39 -14.32 -10.70 -5.68
N PRO A 40 -14.53 -9.99 -6.79
CA PRO A 40 -14.36 -8.55 -6.76
C PRO A 40 -15.35 -7.93 -5.79
N LEU A 41 -14.86 -7.00 -4.98
CA LEU A 41 -15.64 -6.51 -3.84
C LEU A 41 -16.44 -5.26 -4.16
N ALA A 42 -16.13 -4.57 -5.26
CA ALA A 42 -16.90 -3.39 -5.64
C ALA A 42 -16.64 -3.12 -7.10
N GLU A 43 -17.62 -2.51 -7.74
CA GLU A 43 -17.51 -1.93 -9.07
C GLU A 43 -17.21 -0.43 -8.95
N PRO A 44 -16.37 0.13 -9.82
CA PRO A 44 -16.06 1.56 -9.72
C PRO A 44 -17.30 2.41 -9.93
N LYS A 45 -17.30 3.56 -9.27
CA LYS A 45 -18.29 4.60 -9.49
C LYS A 45 -18.55 4.78 -10.97
N ASP A 46 -19.81 5.02 -11.33
CA ASP A 46 -20.15 5.22 -12.73
C ASP A 46 -19.24 6.30 -13.32
N GLY A 47 -18.66 6.02 -14.47
CA GLY A 47 -17.73 6.96 -15.08
C GLY A 47 -16.28 6.70 -14.73
N TRP A 48 -16.00 5.74 -13.84
CA TRP A 48 -14.64 5.36 -13.55
C TRP A 48 -14.32 3.99 -14.14
N ALA A 49 -13.08 3.84 -14.57
CA ALA A 49 -12.66 2.56 -15.11
C ALA A 49 -12.15 1.62 -14.03
N SER A 50 -11.64 2.17 -12.93
CA SER A 50 -10.89 1.31 -12.01
C SER A 50 -10.79 1.95 -10.64
N LEU A 51 -10.58 1.08 -9.64
CA LEU A 51 -10.30 1.43 -8.26
C LEU A 51 -9.00 0.75 -7.92
N LYS A 52 -8.04 1.49 -7.36
CA LYS A 52 -6.67 1.01 -7.29
C LYS A 52 -5.95 1.43 -6.02
N ASP A 53 -4.82 0.74 -5.76
CA ASP A 53 -3.78 1.20 -4.82
C ASP A 53 -4.33 1.38 -3.41
N PHE A 54 -5.18 0.46 -2.98
CA PHE A 54 -5.96 0.63 -1.75
C PHE A 54 -5.09 0.84 -0.53
N THR A 55 -5.57 1.68 0.39
CA THR A 55 -5.04 1.81 1.73
C THR A 55 -6.22 1.74 2.68
N ALA A 56 -6.10 0.96 3.76
CA ALA A 56 -7.24 0.76 4.65
C ALA A 56 -6.82 0.89 6.09
N VAL A 57 -7.75 1.37 6.92
CA VAL A 57 -7.56 1.32 8.37
C VAL A 57 -8.83 0.85 9.02
N PRO A 58 -8.69 0.17 10.15
CA PRO A 58 -9.85 0.00 11.05
C PRO A 58 -10.20 1.34 11.66
N TYR A 59 -11.50 1.66 11.62
CA TYR A 59 -12.01 2.96 12.07
C TYR A 59 -13.43 2.77 12.54
N ASN A 60 -13.70 3.11 13.78
CA ASN A 60 -15.06 3.03 14.33
C ASN A 60 -15.61 1.62 14.25
N GLY A 61 -14.75 0.62 14.51
CA GLY A 61 -15.15 -0.77 14.36
C GLY A 61 -15.44 -1.21 12.95
N GLN A 62 -15.14 -0.35 11.97
CA GLN A 62 -15.42 -0.61 10.55
C GLN A 62 -14.13 -0.45 9.77
N TYR A 63 -14.21 -0.42 8.43
CA TYR A 63 -13.04 -0.21 7.61
C TYR A 63 -13.19 1.08 6.82
N LEU A 64 -12.11 1.86 6.82
CA LEU A 64 -12.02 3.13 6.11
C LEU A 64 -10.96 2.95 5.03
N VAL A 65 -11.37 3.06 3.77
CA VAL A 65 -10.51 2.73 2.64
C VAL A 65 -10.37 3.96 1.74
N TYR A 66 -9.15 4.29 1.37
CA TYR A 66 -8.87 5.29 0.33
C TYR A 66 -8.26 4.59 -0.87
N ALA A 67 -8.38 5.22 -2.05
CA ALA A 67 -7.91 4.54 -3.25
C ALA A 67 -7.63 5.53 -4.36
N THR A 68 -6.77 5.11 -5.29
CA THR A 68 -6.66 5.73 -6.60
C THR A 68 -7.87 5.34 -7.46
N TYR A 69 -8.28 6.25 -8.35
CA TYR A 69 -9.16 5.85 -9.44
C TYR A 69 -8.61 6.37 -10.76
N HIS A 70 -9.01 5.69 -11.82
CA HIS A 70 -8.84 6.19 -13.19
C HIS A 70 -10.22 6.30 -13.78
N ASP A 71 -10.49 7.39 -14.50
CA ASP A 71 -11.82 7.51 -15.07
C ASP A 71 -11.88 6.72 -16.38
N THR A 72 -12.98 6.83 -17.12
CA THR A 72 -13.10 6.14 -18.38
C THR A 72 -12.49 6.94 -19.53
N GLY A 73 -11.80 8.04 -19.23
CA GLY A 73 -11.04 8.78 -20.20
C GLY A 73 -9.54 8.68 -19.99
N THR A 74 -8.89 9.79 -19.65
CA THR A 74 -7.43 9.80 -19.51
C THR A 74 -6.97 10.33 -18.17
N SER A 75 -7.82 10.31 -17.14
CA SER A 75 -7.55 11.09 -15.95
C SER A 75 -7.49 10.21 -14.71
N TRP A 76 -6.65 10.64 -13.75
CA TRP A 76 -6.44 9.96 -12.48
C TRP A 76 -7.06 10.77 -11.35
N GLY A 77 -7.45 10.10 -10.28
CA GLY A 77 -7.79 10.83 -9.09
C GLY A 77 -7.69 9.93 -7.88
N SER A 78 -8.25 10.43 -6.77
CA SER A 78 -8.33 9.66 -5.55
C SER A 78 -9.75 9.75 -4.99
N MET A 79 -10.05 8.84 -4.06
CA MET A 79 -11.39 8.73 -3.49
C MET A 79 -11.28 8.05 -2.14
N ASN A 80 -12.37 8.10 -1.37
CA ASN A 80 -12.52 7.13 -0.29
C ASN A 80 -13.88 6.44 -0.41
N PHE A 81 -13.98 5.29 0.25
CA PHE A 81 -15.25 4.61 0.43
C PHE A 81 -15.92 5.09 1.72
N GLY A 82 -17.25 5.09 1.70
CA GLY A 82 -17.97 5.23 2.96
C GLY A 82 -17.61 4.10 3.91
N LEU A 83 -17.74 4.37 5.20
CA LEU A 83 -17.43 3.33 6.18
C LEU A 83 -18.27 2.09 5.91
N PHE A 84 -17.67 0.91 6.09
CA PHE A 84 -18.43 -0.32 5.98
C PHE A 84 -17.88 -1.32 7.00
N SER A 85 -18.78 -2.19 7.50
CA SER A 85 -18.49 -3.12 8.59
C SER A 85 -18.01 -4.47 8.10
N ASN A 86 -18.58 -4.97 7.01
CA ASN A 86 -18.28 -6.28 6.46
C ASN A 86 -17.66 -6.09 5.09
N TRP A 87 -16.70 -6.96 4.71
CA TRP A 87 -16.09 -6.81 3.40
C TRP A 87 -17.11 -6.95 2.29
N SER A 88 -18.17 -7.73 2.52
CA SER A 88 -19.22 -7.84 1.53
C SER A 88 -20.10 -6.60 1.45
N ASP A 89 -19.96 -5.66 2.40
CA ASP A 89 -20.63 -4.37 2.33
C ASP A 89 -19.86 -3.38 1.48
N MET A 90 -18.63 -3.70 1.07
CA MET A 90 -17.87 -2.76 0.26
C MET A 90 -18.58 -2.45 -1.06
N ALA A 91 -19.35 -3.40 -1.58
CA ALA A 91 -20.02 -3.20 -2.86
C ALA A 91 -21.07 -2.10 -2.80
N THR A 92 -21.68 -1.86 -1.63
CA THR A 92 -22.69 -0.82 -1.49
C THR A 92 -22.19 0.39 -0.70
N ALA A 93 -20.94 0.38 -0.27
CA ALA A 93 -20.34 1.57 0.33
C ALA A 93 -20.30 2.69 -0.70
N SER A 94 -20.40 3.92 -0.22
CA SER A 94 -20.31 5.03 -1.15
C SER A 94 -18.89 5.15 -1.68
N GLN A 95 -18.76 5.85 -2.81
CA GLN A 95 -17.48 6.17 -3.40
C GLN A 95 -17.42 7.68 -3.53
N ASN A 96 -16.43 8.30 -2.88
CA ASN A 96 -16.39 9.74 -2.69
C ASN A 96 -15.14 10.32 -3.35
N ALA A 97 -15.31 10.95 -4.51
CA ALA A 97 -14.19 11.57 -5.23
C ALA A 97 -13.56 12.66 -4.38
N MET A 98 -12.23 12.71 -4.37
CA MET A 98 -11.50 13.78 -3.70
C MET A 98 -11.21 14.94 -4.66
N THR A 99 -11.35 16.16 -4.11
CA THR A 99 -10.96 17.36 -4.84
C THR A 99 -9.45 17.47 -4.95
N GLN A 100 -8.74 17.11 -3.89
CA GLN A 100 -7.28 17.03 -3.91
C GLN A 100 -6.89 15.60 -4.27
N SER A 101 -6.28 15.43 -5.44
CA SER A 101 -5.90 14.09 -5.88
C SER A 101 -4.72 13.58 -5.06
N THR A 102 -4.95 12.49 -4.35
CA THR A 102 -3.94 11.85 -3.53
C THR A 102 -3.68 10.45 -4.07
N VAL A 103 -3.00 10.38 -5.22
CA VAL A 103 -2.78 9.11 -5.91
C VAL A 103 -1.88 8.19 -5.10
N ALA A 104 -2.19 6.89 -5.12
CA ALA A 104 -1.43 5.89 -4.37
C ALA A 104 -1.31 6.29 -2.90
N PRO A 105 -2.44 6.45 -2.20
CA PRO A 105 -2.42 7.06 -0.86
C PRO A 105 -1.98 6.09 0.21
N THR A 106 -1.53 6.66 1.32
CA THR A 106 -1.24 5.90 2.54
C THR A 106 -1.98 6.59 3.68
N LEU A 107 -2.93 5.90 4.31
CA LEU A 107 -3.71 6.46 5.41
C LEU A 107 -3.25 5.87 6.73
N PHE A 108 -3.00 6.73 7.72
CA PHE A 108 -2.75 6.22 9.05
C PHE A 108 -2.96 7.33 10.06
N TYR A 109 -3.12 6.93 11.31
CA TYR A 109 -3.27 7.86 12.43
C TYR A 109 -1.91 8.03 13.10
N PHE A 110 -1.43 9.27 13.18
CA PHE A 110 -0.14 9.49 13.83
C PHE A 110 -0.44 9.80 15.29
N GLU A 111 -0.44 8.74 16.11
CA GLU A 111 -0.91 8.87 17.48
C GLU A 111 -0.16 9.90 18.32
N PRO A 112 1.17 10.05 18.23
CA PRO A 112 1.84 10.97 19.14
C PRO A 112 1.37 12.40 19.02
N LYS A 113 0.78 12.82 17.89
CA LYS A 113 0.31 14.19 17.72
C LYS A 113 -1.17 14.24 17.33
N ASP A 114 -1.91 13.17 17.61
CA ASP A 114 -3.37 13.16 17.49
C ASP A 114 -3.83 13.65 16.11
N VAL A 115 -3.21 13.12 15.06
CA VAL A 115 -3.49 13.67 13.75
C VAL A 115 -3.52 12.53 12.73
N TRP A 116 -4.53 12.57 11.86
CA TRP A 116 -4.57 11.62 10.76
C TRP A 116 -3.74 12.13 9.59
N ILE A 117 -3.04 11.21 8.92
CA ILE A 117 -2.13 11.50 7.82
C ILE A 117 -2.59 10.78 6.56
N LEU A 118 -2.65 11.49 5.44
CA LEU A 118 -2.88 10.88 4.13
C LEU A 118 -1.67 11.24 3.26
N ALA A 119 -0.74 10.30 3.12
CA ALA A 119 0.43 10.49 2.29
C ALA A 119 0.14 10.07 0.86
N TYR A 120 0.78 10.73 -0.12
CA TYR A 120 0.45 10.44 -1.51
C TYR A 120 1.54 10.97 -2.44
N GLN A 121 1.38 10.69 -3.74
CA GLN A 121 2.31 11.14 -4.75
C GLN A 121 1.62 12.05 -5.76
N TRP A 122 2.45 12.62 -6.63
CA TRP A 122 2.00 13.50 -7.70
C TRP A 122 1.37 14.77 -7.15
N GLY A 123 1.71 15.12 -5.92
CA GLY A 123 1.37 16.39 -5.35
C GLY A 123 2.47 17.41 -5.62
N PRO A 124 2.51 18.46 -4.78
CA PRO A 124 3.48 19.55 -5.02
C PRO A 124 4.94 19.13 -4.93
N THR A 125 5.30 18.26 -4.02
CA THR A 125 6.66 17.75 -3.95
C THR A 125 6.65 16.25 -4.28
N ALA A 126 7.84 15.65 -4.28
CA ALA A 126 7.99 14.25 -4.69
C ALA A 126 6.98 13.36 -3.97
N PHE A 127 6.84 13.51 -2.66
CA PHE A 127 5.71 12.95 -1.93
C PHE A 127 5.15 14.06 -1.06
N SER A 128 3.86 13.95 -0.75
CA SER A 128 3.17 14.95 0.05
C SER A 128 2.32 14.23 1.09
N TYR A 129 1.81 14.99 2.05
CA TYR A 129 0.77 14.46 2.92
C TYR A 129 -0.22 15.56 3.26
N LEU A 130 -1.44 15.13 3.57
CA LEU A 130 -2.48 15.98 4.12
C LEU A 130 -2.75 15.53 5.54
N THR A 131 -3.31 16.45 6.34
CA THR A 131 -3.67 16.13 7.72
C THR A 131 -5.16 16.31 7.94
N SER A 132 -5.70 15.60 8.92
CA SER A 132 -7.11 15.77 9.25
C SER A 132 -7.37 15.26 10.65
N SER A 133 -8.46 15.75 11.25
CA SER A 133 -9.01 15.17 12.45
C SER A 133 -10.22 14.28 12.18
N ASP A 134 -10.68 14.21 10.94
CA ASP A 134 -11.77 13.32 10.57
C ASP A 134 -11.48 12.71 9.21
N PRO A 135 -10.84 11.55 9.19
CA PRO A 135 -10.45 10.93 7.91
C PRO A 135 -11.61 10.35 7.13
N THR A 136 -12.84 10.33 7.69
CA THR A 136 -13.95 9.80 6.91
C THR A 136 -14.38 10.79 5.84
N ASP A 137 -14.04 12.06 5.99
CA ASP A 137 -14.43 13.10 5.05
C ASP A 137 -13.39 13.17 3.93
N ALA A 138 -13.76 12.67 2.76
CA ALA A 138 -12.82 12.69 1.63
C ALA A 138 -12.36 14.09 1.29
N ASN A 139 -13.13 15.12 1.66
CA ASN A 139 -12.80 16.50 1.32
C ASN A 139 -12.64 17.38 2.56
N GLY A 140 -12.25 16.79 3.69
CA GLY A 140 -12.01 17.56 4.91
C GLY A 140 -10.54 17.65 5.30
N TRP A 141 -9.66 17.34 4.36
CA TRP A 141 -8.23 17.33 4.63
C TRP A 141 -7.63 18.73 4.52
N SER A 142 -6.47 18.89 5.14
CA SER A 142 -5.69 20.11 5.02
C SER A 142 -5.14 20.26 3.59
N SER A 143 -4.58 21.43 3.30
CA SER A 143 -3.78 21.57 2.09
C SER A 143 -2.49 20.76 2.26
N PRO A 144 -1.77 20.49 1.17
CA PRO A 144 -0.61 19.58 1.26
C PRO A 144 0.55 20.17 2.01
N GLN A 145 1.31 19.26 2.63
CA GLN A 145 2.59 19.48 3.26
C GLN A 145 3.63 18.57 2.61
N PRO A 146 4.89 18.97 2.59
CA PRO A 146 5.91 18.14 1.93
C PRO A 146 6.27 16.95 2.79
N LEU A 147 6.27 15.77 2.18
CA LEU A 147 6.70 14.53 2.80
C LEU A 147 8.10 14.10 2.34
N PHE A 148 8.42 14.35 1.08
CA PHE A 148 9.74 14.02 0.55
C PHE A 148 10.01 14.97 -0.61
N SER A 149 11.24 15.50 -0.66
CA SER A 149 11.61 16.41 -1.74
CA SER A 149 11.63 16.42 -1.71
C SER A 149 12.87 15.94 -2.46
N GLY A 150 13.24 14.68 -2.30
CA GLY A 150 14.41 14.16 -2.97
C GLY A 150 14.08 13.51 -4.30
N SER A 151 15.12 13.10 -5.01
CA SER A 151 14.96 12.39 -6.26
C SER A 151 15.82 11.13 -6.24
N ILE A 152 15.65 10.29 -7.24
CA ILE A 152 16.36 9.01 -7.32
C ILE A 152 16.95 8.84 -8.71
N SER A 153 18.09 8.17 -8.78
CA SER A 153 18.73 7.92 -10.06
CA SER A 153 18.73 7.93 -10.07
C SER A 153 18.12 6.69 -10.73
N ASP A 154 18.37 6.58 -12.04
CA ASP A 154 18.01 5.37 -12.80
C ASP A 154 16.52 5.05 -12.67
N SER A 155 15.67 6.05 -12.77
CA SER A 155 14.24 5.80 -12.76
C SER A 155 13.58 6.73 -13.76
N ASP A 156 12.68 6.21 -14.59
CA ASP A 156 11.93 7.06 -15.49
C ASP A 156 10.70 7.67 -14.83
N THR A 157 10.11 6.98 -13.86
CA THR A 157 8.95 7.53 -13.17
C THR A 157 9.33 8.52 -12.07
N GLY A 158 10.54 8.42 -11.54
CA GLY A 158 10.81 9.05 -10.25
C GLY A 158 10.17 8.25 -9.12
N VAL A 159 10.18 8.85 -7.94
CA VAL A 159 9.70 8.14 -6.77
C VAL A 159 8.21 7.86 -6.89
N ILE A 160 7.80 6.66 -6.47
CA ILE A 160 6.40 6.27 -6.52
C ILE A 160 6.06 5.36 -5.34
N ASP A 161 4.77 5.30 -5.03
CA ASP A 161 4.18 4.27 -4.18
C ASP A 161 4.83 4.26 -2.79
N GLN A 162 4.77 5.42 -2.13
CA GLN A 162 5.32 5.48 -0.78
C GLN A 162 4.46 4.69 0.20
N THR A 163 5.10 4.32 1.30
CA THR A 163 4.41 4.07 2.55
C THR A 163 5.24 4.68 3.67
N VAL A 164 4.63 4.78 4.84
CA VAL A 164 5.23 5.42 5.99
C VAL A 164 4.97 4.50 7.18
N ILE A 165 5.99 4.30 8.04
CA ILE A 165 5.84 3.42 9.19
C ILE A 165 6.79 3.86 10.28
N GLY A 166 6.38 3.66 11.54
CA GLY A 166 7.18 4.08 12.66
C GLY A 166 7.40 2.96 13.67
N ASP A 167 8.49 3.10 14.42
CA ASP A 167 8.73 2.31 15.61
C ASP A 167 8.84 3.26 16.80
N SER A 168 9.45 2.82 17.90
CA SER A 168 9.47 3.64 19.11
C SER A 168 10.35 4.88 18.98
N THR A 169 11.26 4.92 18.01
CA THR A 169 12.22 6.01 17.94
C THR A 169 12.16 6.80 16.64
N THR A 170 11.65 6.20 15.57
CA THR A 170 11.93 6.68 14.24
C THR A 170 10.71 6.50 13.36
N MET A 171 10.49 7.47 12.48
CA MET A 171 9.54 7.30 11.39
C MET A 171 10.31 7.04 10.10
N TYR A 172 9.77 6.13 9.29
CA TYR A 172 10.44 5.71 8.06
C TYR A 172 9.53 5.94 6.87
N LEU A 173 10.15 6.35 5.78
CA LEU A 173 9.51 6.45 4.48
C LEU A 173 10.08 5.36 3.58
N PHE A 174 9.22 4.55 2.98
CA PHE A 174 9.67 3.56 2.01
C PHE A 174 9.02 3.86 0.68
N PHE A 175 9.73 3.64 -0.43
CA PHE A 175 9.11 3.88 -1.73
C PHE A 175 9.83 3.07 -2.80
N ALA A 176 9.32 3.18 -4.04
CA ALA A 176 9.84 2.41 -5.17
C ALA A 176 10.11 3.38 -6.32
N GLY A 177 10.54 2.83 -7.46
CA GLY A 177 10.90 3.67 -8.58
C GLY A 177 10.56 3.07 -9.94
N ASP A 178 9.75 2.01 -9.96
CA ASP A 178 9.48 1.26 -11.19
C ASP A 178 10.79 0.87 -11.89
N ASN A 179 11.80 0.51 -11.08
CA ASN A 179 13.14 0.35 -11.62
C ASN A 179 13.90 -0.78 -10.94
N GLY A 180 13.24 -1.64 -10.16
CA GLY A 180 13.90 -2.73 -9.49
C GLY A 180 14.43 -2.38 -8.11
N ARG A 181 14.18 -1.16 -7.64
CA ARG A 181 14.80 -0.68 -6.41
C ARG A 181 13.74 -0.28 -5.41
N ILE A 182 14.07 -0.50 -4.14
CA ILE A 182 13.26 -0.05 -3.01
C ILE A 182 14.11 0.89 -2.16
N TYR A 183 13.50 1.96 -1.68
CA TYR A 183 14.22 3.03 -1.01
C TYR A 183 13.67 3.28 0.38
N ARG A 184 14.50 3.89 1.22
CA ARG A 184 14.13 4.20 2.59
C ARG A 184 14.68 5.57 3.00
N ALA A 185 13.85 6.35 3.69
CA ALA A 185 14.30 7.56 4.36
C ALA A 185 13.82 7.51 5.80
N SER A 186 14.43 8.29 6.68
CA SER A 186 14.02 8.22 8.08
C SER A 186 14.17 9.57 8.76
N MET A 187 13.48 9.70 9.89
CA MET A 187 13.55 10.90 10.72
C MET A 187 13.18 10.50 12.16
N PRO A 188 13.72 11.19 13.16
CA PRO A 188 13.30 10.92 14.54
C PRO A 188 11.78 11.10 14.67
N ILE A 189 11.15 10.24 15.47
CA ILE A 189 9.70 10.24 15.47
C ILE A 189 9.15 11.57 15.97
N ASP A 190 9.89 12.28 16.86
CA ASP A 190 9.42 13.58 17.33
C ASP A 190 9.24 14.57 16.18
N GLN A 191 10.03 14.40 15.13
CA GLN A 191 10.03 15.34 14.01
C GLN A 191 8.84 15.18 13.10
N PHE A 192 8.13 14.10 13.19
CA PHE A 192 6.98 13.86 12.33
C PHE A 192 5.73 14.45 12.97
N PRO A 193 4.76 14.94 12.17
CA PRO A 193 4.73 15.08 10.71
C PRO A 193 5.75 16.09 10.21
N GLY A 194 6.41 15.74 9.12
CA GLY A 194 7.36 16.66 8.52
C GLY A 194 7.92 16.08 7.25
N ASP A 195 8.78 16.86 6.62
CA ASP A 195 9.44 16.47 5.38
C ASP A 195 10.63 15.57 5.70
N PHE A 196 10.68 14.38 5.09
CA PHE A 196 11.84 13.50 5.24
C PHE A 196 13.07 14.10 4.61
N GLY A 197 12.91 15.06 3.70
CA GLY A 197 14.05 15.74 3.12
C GLY A 197 14.39 15.31 1.72
N THR A 198 15.68 15.29 1.40
CA THR A 198 16.11 14.94 0.06
C THR A 198 16.82 13.60 -0.01
N GLU A 199 17.33 13.08 1.11
CA GLU A 199 18.19 11.91 1.03
C GLU A 199 17.38 10.64 1.23
N SER A 200 17.79 9.59 0.54
CA SER A 200 17.24 8.26 0.75
C SER A 200 18.36 7.26 0.53
N GLU A 201 18.16 6.07 1.07
CA GLU A 201 19.06 4.96 0.82
C GLU A 201 18.36 3.94 -0.06
N ILE A 202 19.11 3.36 -0.98
CA ILE A 202 18.60 2.20 -1.73
C ILE A 202 18.82 0.98 -0.83
N ILE A 203 17.73 0.28 -0.48
CA ILE A 203 17.84 -0.85 0.42
C ILE A 203 17.67 -2.21 -0.27
N LEU A 204 17.12 -2.24 -1.48
CA LEU A 204 16.99 -3.47 -2.24
C LEU A 204 17.10 -3.11 -3.70
N SER A 205 17.71 -3.98 -4.49
CA SER A 205 17.77 -3.76 -5.93
CA SER A 205 17.78 -3.76 -5.93
C SER A 205 17.76 -5.11 -6.63
N ASP A 206 16.89 -5.26 -7.61
CA ASP A 206 16.75 -6.51 -8.35
C ASP A 206 16.43 -6.13 -9.79
N GLU A 207 16.15 -7.13 -10.62
CA GLU A 207 15.57 -6.85 -11.93
C GLU A 207 14.35 -5.96 -11.77
N ARG A 208 14.12 -5.10 -12.77
CA ARG A 208 13.01 -4.15 -12.71
C ARG A 208 11.67 -4.82 -12.45
N ASN A 209 11.39 -5.92 -13.15
CA ASN A 209 10.13 -6.65 -12.94
C ASN A 209 10.02 -7.25 -11.54
N ASN A 210 11.16 -7.53 -10.90
CA ASN A 210 11.13 -8.31 -9.65
C ASN A 210 10.87 -7.46 -8.42
N LEU A 211 11.30 -6.20 -8.41
CA LEU A 211 10.97 -5.27 -7.32
C LEU A 211 10.42 -4.01 -7.98
N PHE A 212 9.16 -4.06 -8.39
CA PHE A 212 8.68 -3.05 -9.32
C PHE A 212 8.05 -1.85 -8.61
N GLU A 213 7.04 -2.07 -7.77
CA GLU A 213 6.35 -0.91 -7.20
C GLU A 213 5.48 -1.40 -6.04
N ALA A 214 4.61 -0.51 -5.58
CA ALA A 214 3.57 -0.84 -4.58
C ALA A 214 4.15 -1.44 -3.31
N VAL A 215 5.24 -0.88 -2.81
CA VAL A 215 5.87 -1.42 -1.61
C VAL A 215 5.01 -1.12 -0.38
N GLN A 216 4.94 -2.08 0.54
CA GLN A 216 4.26 -1.87 1.81
C GLN A 216 5.10 -2.50 2.91
N VAL A 217 5.05 -1.90 4.09
CA VAL A 217 5.82 -2.35 5.24
C VAL A 217 4.90 -2.35 6.47
N TYR A 218 5.01 -3.38 7.30
CA TYR A 218 4.13 -3.58 8.44
C TYR A 218 4.92 -4.07 9.66
N THR A 219 4.40 -3.76 10.83
CA THR A 219 4.91 -4.34 12.08
C THR A 219 4.11 -5.59 12.37
N VAL A 220 4.80 -6.72 12.53
CA VAL A 220 4.11 -7.95 12.85
C VAL A 220 3.89 -7.97 14.36
N SER A 221 2.63 -7.99 14.77
CA SER A 221 2.35 -7.91 16.20
C SER A 221 2.44 -9.29 16.86
N GLY A 222 2.60 -9.27 18.18
CA GLY A 222 2.61 -10.49 18.96
C GLY A 222 3.90 -11.27 18.92
N GLN A 223 4.98 -10.66 18.46
CA GLN A 223 6.27 -11.32 18.37
C GLN A 223 7.14 -11.01 19.59
N SER A 224 8.07 -11.92 19.88
CA SER A 224 8.97 -11.73 21.01
C SER A 224 10.17 -10.85 20.67
N LYS A 225 10.43 -10.60 19.39
CA LYS A 225 11.43 -9.66 18.94
C LYS A 225 10.81 -8.87 17.80
N ASP A 226 11.26 -7.64 17.61
CA ASP A 226 10.72 -6.80 16.53
C ASP A 226 10.76 -7.56 15.22
N THR A 227 9.63 -7.62 14.52
CA THR A 227 9.50 -8.37 13.28
C THR A 227 8.74 -7.51 12.29
N TYR A 228 9.33 -7.25 11.14
CA TYR A 228 8.70 -6.41 10.13
C TYR A 228 8.56 -7.18 8.82
N LEU A 229 7.45 -6.95 8.14
CA LEU A 229 7.15 -7.59 6.87
C LEU A 229 7.10 -6.53 5.79
N MET A 230 7.79 -6.78 4.67
CA MET A 230 7.74 -5.91 3.50
C MET A 230 7.17 -6.72 2.36
N ILE A 231 6.24 -6.14 1.61
CA ILE A 231 5.78 -6.76 0.37
C ILE A 231 6.02 -5.76 -0.75
N VAL A 232 6.37 -6.30 -1.93
CA VAL A 232 6.72 -5.49 -3.09
C VAL A 232 6.05 -6.13 -4.29
N GLU A 233 5.36 -5.33 -5.09
CA GLU A 233 4.71 -5.87 -6.27
C GLU A 233 5.73 -6.15 -7.37
N ALA A 234 5.62 -7.33 -7.99
CA ALA A 234 6.47 -7.76 -9.08
C ALA A 234 5.61 -8.09 -10.30
N ILE A 235 6.27 -8.08 -11.45
CA ILE A 235 5.65 -8.45 -12.72
C ILE A 235 6.09 -9.87 -13.05
N GLY A 236 5.14 -10.80 -13.09
CA GLY A 236 5.45 -12.19 -13.30
C GLY A 236 5.02 -12.63 -14.69
N ALA A 237 5.31 -13.90 -14.99
CA ALA A 237 4.86 -14.45 -16.25
C ALA A 237 3.35 -14.59 -16.28
N GLN A 238 2.73 -14.92 -15.14
CA GLN A 238 1.29 -15.12 -15.07
C GLN A 238 0.53 -13.89 -14.63
N GLY A 239 1.19 -12.85 -14.17
CA GLY A 239 0.52 -11.64 -13.77
C GLY A 239 1.32 -10.90 -12.71
N ARG A 240 0.71 -9.84 -12.20
CA ARG A 240 1.26 -9.12 -11.06
C ARG A 240 1.15 -9.98 -9.80
N TYR A 241 2.16 -9.88 -8.95
CA TYR A 241 2.15 -10.63 -7.70
C TYR A 241 3.04 -9.90 -6.70
N PHE A 242 3.04 -10.38 -5.46
CA PHE A 242 3.84 -9.78 -4.40
C PHE A 242 4.96 -10.73 -3.95
N ARG A 243 6.15 -10.16 -3.77
CA ARG A 243 7.25 -10.81 -3.05
C ARG A 243 7.33 -10.23 -1.65
N SER A 244 7.69 -11.07 -0.68
CA SER A 244 7.87 -10.58 0.68
C SER A 244 9.33 -10.67 1.13
N PHE A 245 9.70 -9.73 2.01
CA PHE A 245 10.99 -9.65 2.68
C PHE A 245 10.72 -9.41 4.15
N THR A 246 11.69 -9.74 5.01
CA THR A 246 11.52 -9.48 6.43
C THR A 246 12.77 -8.83 6.98
N ALA A 247 12.61 -8.22 8.15
CA ALA A 247 13.68 -7.52 8.82
C ALA A 247 13.44 -7.55 10.33
N ASP A 248 14.53 -7.45 11.09
CA ASP A 248 14.50 -7.33 12.54
C ASP A 248 14.45 -5.89 13.00
N SER A 249 14.65 -4.94 12.09
CA SER A 249 14.63 -3.52 12.43
CA SER A 249 14.66 -3.52 12.42
C SER A 249 14.27 -2.76 11.17
N LEU A 250 13.43 -1.72 11.34
CA LEU A 250 13.00 -0.97 10.17
C LEU A 250 14.16 -0.23 9.52
N GLY A 251 15.23 0.02 10.26
CA GLY A 251 16.43 0.61 9.71
C GLY A 251 17.50 -0.39 9.33
N GLY A 252 17.19 -1.68 9.34
CA GLY A 252 18.16 -2.72 9.05
C GLY A 252 18.02 -3.24 7.63
N SER A 253 18.63 -4.41 7.38
CA SER A 253 18.59 -4.98 6.03
C SER A 253 17.42 -5.96 5.91
N TRP A 254 16.98 -6.18 4.67
CA TRP A 254 15.80 -6.97 4.38
C TRP A 254 16.21 -8.25 3.68
N THR A 255 15.65 -9.37 4.12
CA THR A 255 15.98 -10.65 3.53
CA THR A 255 15.98 -10.65 3.54
C THR A 255 14.77 -11.24 2.82
N PRO A 256 14.95 -11.79 1.62
CA PRO A 256 13.82 -12.37 0.88
C PRO A 256 13.15 -13.50 1.65
N GLN A 257 11.81 -13.49 1.64
CA GLN A 257 11.03 -14.52 2.30
C GLN A 257 10.30 -15.30 1.24
N ALA A 258 9.09 -14.90 0.82
CA ALA A 258 8.39 -15.56 -0.28
C ALA A 258 8.56 -14.65 -1.49
N ALA A 259 9.59 -14.94 -2.27
CA ALA A 259 10.12 -13.94 -3.19
C ALA A 259 10.36 -14.50 -4.59
N THR A 260 9.56 -15.47 -5.02
CA THR A 260 9.54 -15.92 -6.41
C THR A 260 8.09 -16.04 -6.85
N GLU A 261 7.87 -16.05 -8.17
CA GLU A 261 6.49 -16.13 -8.64
C GLU A 261 5.85 -17.48 -8.32
N SER A 262 6.63 -18.56 -8.32
CA SER A 262 6.05 -19.87 -8.05
C SER A 262 5.78 -20.09 -6.56
N ALA A 263 6.43 -19.34 -5.69
CA ALA A 263 6.17 -19.40 -4.24
C ALA A 263 6.20 -17.96 -3.73
N PRO A 264 5.15 -17.19 -4.04
CA PRO A 264 5.16 -15.75 -3.74
C PRO A 264 4.48 -15.48 -2.41
N PHE A 265 4.56 -14.21 -2.01
CA PHE A 265 3.72 -13.78 -0.90
C PHE A 265 2.25 -13.94 -1.27
N ALA A 266 1.87 -13.40 -2.43
CA ALA A 266 0.53 -13.60 -2.95
C ALA A 266 0.57 -13.40 -4.46
N GLY A 267 0.04 -14.37 -5.19
CA GLY A 267 -0.04 -14.30 -6.63
C GLY A 267 -0.94 -15.42 -7.15
N LYS A 268 -1.00 -15.53 -8.47
CA LYS A 268 -1.81 -16.59 -9.06
C LYS A 268 -1.45 -17.98 -8.54
N ALA A 269 -0.17 -18.20 -8.19
CA ALA A 269 0.23 -19.51 -7.69
C ALA A 269 -0.52 -19.92 -6.43
N ASN A 270 -0.93 -18.97 -5.59
CA ASN A 270 -1.38 -19.34 -4.25
C ASN A 270 -2.54 -18.50 -3.74
N SER A 271 -3.16 -17.68 -4.58
CA SER A 271 -4.17 -16.75 -4.08
C SER A 271 -5.54 -17.41 -3.94
N GLY A 272 -5.82 -18.45 -4.71
CA GLY A 272 -7.20 -18.92 -4.79
C GLY A 272 -8.16 -17.98 -5.46
N ALA A 273 -7.66 -16.93 -6.12
CA ALA A 273 -8.53 -15.96 -6.77
C ALA A 273 -8.95 -16.48 -8.13
N THR A 274 -10.26 -16.64 -8.34
CA THR A 274 -10.77 -17.18 -9.59
C THR A 274 -11.03 -16.11 -10.63
N TRP A 275 -11.23 -14.86 -10.22
CA TRP A 275 -11.63 -13.80 -11.12
C TRP A 275 -10.47 -12.96 -11.62
N THR A 276 -9.26 -13.18 -11.11
CA THR A 276 -8.11 -12.35 -11.46
C THR A 276 -6.86 -13.21 -11.44
N ASP A 277 -5.94 -12.89 -12.34
CA ASP A 277 -4.58 -13.42 -12.26
C ASP A 277 -3.68 -12.51 -11.44
N ASP A 278 -3.79 -11.20 -11.68
CA ASP A 278 -3.05 -10.20 -10.94
C ASP A 278 -3.45 -10.18 -9.47
N ILE A 279 -2.46 -10.13 -8.59
CA ILE A 279 -2.62 -9.70 -7.21
C ILE A 279 -1.72 -8.49 -7.06
N SER A 280 -2.33 -7.30 -6.94
CA SER A 280 -1.61 -6.07 -7.23
C SER A 280 -1.94 -5.02 -6.17
N HIS A 281 -1.26 -3.87 -6.29
CA HIS A 281 -1.19 -2.77 -5.33
C HIS A 281 -2.38 -2.67 -4.38
N GLY A 282 -2.13 -2.94 -3.12
CA GLY A 282 -3.11 -2.74 -2.07
C GLY A 282 -2.49 -2.60 -0.70
N ASP A 283 -3.11 -3.22 0.29
CA ASP A 283 -2.74 -3.03 1.69
C ASP A 283 -3.11 -4.31 2.43
N LEU A 284 -2.20 -4.85 3.23
CA LEU A 284 -2.66 -5.84 4.19
C LEU A 284 -3.64 -5.18 5.14
N VAL A 285 -4.55 -5.98 5.70
CA VAL A 285 -5.57 -5.46 6.60
C VAL A 285 -4.90 -5.22 7.95
N ARG A 286 -4.80 -3.96 8.35
CA ARG A 286 -4.06 -3.63 9.56
C ARG A 286 -4.95 -3.76 10.78
N SER A 287 -4.34 -4.14 11.91
CA SER A 287 -5.12 -4.41 13.10
C SER A 287 -5.47 -3.15 13.88
N THR A 288 -4.68 -2.09 13.73
CA THR A 288 -4.92 -0.80 14.34
C THR A 288 -4.56 0.25 13.31
N PRO A 289 -5.06 1.47 13.46
CA PRO A 289 -4.81 2.52 12.45
C PRO A 289 -3.53 3.33 12.60
N ASP A 290 -2.73 3.10 13.64
CA ASP A 290 -1.65 4.03 13.99
C ASP A 290 -0.43 3.81 13.09
N GLN A 291 0.60 4.60 13.36
CA GLN A 291 1.78 4.64 12.49
C GLN A 291 2.63 3.39 12.53
N THR A 292 2.41 2.48 13.50
CA THR A 292 3.21 1.26 13.49
C THR A 292 2.78 0.32 12.38
N MET A 293 1.64 0.58 11.74
CA MET A 293 1.16 -0.27 10.64
CA MET A 293 1.14 -0.27 10.65
C MET A 293 1.16 -1.74 11.05
N SER A 294 0.55 -2.02 12.19
CA SER A 294 0.57 -3.36 12.76
C SER A 294 -0.42 -4.28 12.07
N ILE A 295 -0.01 -5.53 11.88
CA ILE A 295 -0.84 -6.58 11.32
C ILE A 295 -0.89 -7.73 12.32
N ASP A 296 -2.03 -8.40 12.35
CA ASP A 296 -2.25 -9.56 13.21
C ASP A 296 -1.87 -10.80 12.41
N PRO A 297 -0.76 -11.48 12.71
CA PRO A 297 -0.39 -12.65 11.91
C PRO A 297 -1.34 -13.83 12.07
N CYS A 298 -2.22 -13.80 13.07
CA CYS A 298 -3.23 -14.84 13.21
C CYS A 298 -4.40 -14.63 12.25
N ASN A 299 -4.53 -13.44 11.69
CA ASN A 299 -5.64 -13.14 10.82
C ASN A 299 -5.13 -12.29 9.65
N LEU A 300 -4.15 -12.84 8.92
CA LEU A 300 -3.55 -12.12 7.81
C LEU A 300 -4.52 -12.04 6.64
N GLN A 301 -4.76 -10.82 6.16
CA GLN A 301 -5.63 -10.63 5.00
C GLN A 301 -5.06 -9.51 4.15
N LEU A 302 -5.25 -9.63 2.84
CA LEU A 302 -4.73 -8.68 1.85
C LEU A 302 -5.88 -8.09 1.05
N LEU A 303 -6.02 -6.77 1.12
CA LEU A 303 -6.91 -6.01 0.25
C LEU A 303 -6.08 -5.62 -0.97
N TYR A 304 -6.35 -6.25 -2.12
CA TYR A 304 -5.52 -6.08 -3.30
C TYR A 304 -6.37 -5.54 -4.45
N GLN A 305 -5.70 -5.12 -5.52
CA GLN A 305 -6.40 -4.81 -6.77
C GLN A 305 -6.23 -5.97 -7.73
N GLY A 306 -7.33 -6.43 -8.30
CA GLY A 306 -7.29 -7.46 -9.33
C GLY A 306 -8.12 -7.02 -10.51
N ARG A 307 -8.06 -7.80 -11.59
CA ARG A 307 -8.77 -7.45 -12.82
C ARG A 307 -9.06 -8.72 -13.61
N ASP A 308 -10.20 -8.75 -14.30
CA ASP A 308 -10.57 -9.84 -15.18
C ASP A 308 -9.46 -10.09 -16.21
N PRO A 309 -8.88 -11.28 -16.26
CA PRO A 309 -7.73 -11.51 -17.16
C PRO A 309 -8.04 -11.29 -18.63
N SER A 310 -9.30 -11.38 -19.02
CA SER A 310 -9.67 -11.31 -20.43
C SER A 310 -9.84 -9.89 -20.93
N LEU A 311 -9.80 -8.90 -20.05
CA LEU A 311 -9.97 -7.51 -20.42
C LEU A 311 -8.60 -6.84 -20.32
N ASN A 312 -7.99 -6.57 -21.45
CA ASN A 312 -6.63 -6.04 -21.37
C ASN A 312 -6.47 -4.70 -22.07
N PRO A 313 -7.34 -3.71 -21.86
CA PRO A 313 -7.19 -2.45 -22.58
C PRO A 313 -5.92 -1.71 -22.16
N GLY A 314 -5.43 -0.89 -23.07
CA GLY A 314 -4.35 0.02 -22.79
C GLY A 314 -4.88 1.29 -22.17
N TYR A 315 -4.09 2.35 -22.29
CA TYR A 315 -4.50 3.70 -21.86
C TYR A 315 -4.78 3.79 -20.36
N ASP A 316 -4.18 2.89 -19.56
CA ASP A 316 -4.42 2.86 -18.12
C ASP A 316 -5.89 2.58 -17.80
N LEU A 317 -6.61 1.95 -18.72
CA LEU A 317 -8.03 1.63 -18.49
C LEU A 317 -8.23 0.24 -17.90
N LEU A 318 -7.16 -0.43 -17.51
CA LEU A 318 -7.29 -1.75 -16.90
C LEU A 318 -8.35 -1.73 -15.79
N PRO A 319 -9.32 -2.62 -15.83
CA PRO A 319 -10.45 -2.53 -14.90
C PRO A 319 -10.14 -3.16 -13.54
N TYR A 320 -9.25 -2.51 -12.80
CA TYR A 320 -8.91 -2.98 -11.46
C TYR A 320 -10.09 -2.80 -10.50
N ARG A 321 -10.24 -3.78 -9.60
CA ARG A 321 -11.29 -3.85 -8.59
C ARG A 321 -10.66 -4.36 -7.29
N PRO A 322 -11.20 -3.98 -6.14
CA PRO A 322 -10.70 -4.55 -4.89
C PRO A 322 -11.12 -6.00 -4.72
N GLY A 323 -10.24 -6.77 -4.10
CA GLY A 323 -10.55 -8.11 -3.66
C GLY A 323 -9.84 -8.37 -2.34
N LEU A 324 -10.22 -9.46 -1.67
CA LEU A 324 -9.63 -9.76 -0.36
C LEU A 324 -9.12 -11.19 -0.32
N LEU A 325 -7.84 -11.34 0.01
CA LEU A 325 -7.28 -12.65 0.32
C LEU A 325 -7.28 -12.84 1.82
N THR A 326 -7.52 -14.06 2.25
CA THR A 326 -7.46 -14.45 3.66
C THR A 326 -6.46 -15.59 3.76
N LEU A 327 -5.45 -15.43 4.60
CA LEU A 327 -4.42 -16.46 4.74
C LEU A 327 -5.02 -17.72 5.35
N LYS A 328 -4.70 -18.87 4.75
CA LYS A 328 -5.17 -20.14 5.29
C LYS A 328 -4.61 -20.39 6.69
#